data_9FJJ
#
_entry.id   9FJJ
#
_cell.length_a   83.790
_cell.length_b   134.170
_cell.length_c   60.890
_cell.angle_alpha   90.00
_cell.angle_beta   90.00
_cell.angle_gamma   90.00
#
_symmetry.space_group_name_H-M   'P 21 21 2'
#
loop_
_entity.id
_entity.type
_entity.pdbx_description
1 polymer 'Serine/threonine-protein kinase PLK1'
2 polymer 'Centromere protein U'
3 non-polymer DI(HYDROXYETHYL)ETHER
4 non-polymer GLYCEROL
5 water water
#
loop_
_entity_poly.entity_id
_entity_poly.type
_entity_poly.pdbx_seq_one_letter_code
_entity_poly.pdbx_strand_id
1 'polypeptide(L)'
;GSKGLENPLPERPREKEEPVVRETGEVVDCHLSDMLQQLHSVNASKPSERGLVRQEEAEDPACIPIFWVSKWVDYSDKYG
LGYQLCDNSVGVLFNDSTRLILYNDGDSLQYIERDGTESYLTVSSHPNSLMKKITLLKYFRNYMSEHLLKAGANITPREG
DELARLPYLRTWFRTRSAIILHLSNGSVQINFFQDHTKLILCPLMAAVTYIDEKRDFRTYRLSLLEEYGCCKELASRLRY
ARTMVDKLLSSRSASNRLKAS
;
A,B
2 'polypeptide(L)'
;GSKPIDVFDFPDNSDVSSIGRLGENEKDEETYETFDPPLHS(TPO)AIYADEEEFSKHCGLSLSS(TPO)PPGKEAKRSS
DTSGNE
;
U
#
loop_
_chem_comp.id
_chem_comp.type
_chem_comp.name
_chem_comp.formula
GOL non-polymer GLYCEROL 'C3 H8 O3'
PEG non-polymer DI(HYDROXYETHYL)ETHER 'C4 H10 O3'
#
# COMPACT_ATOMS: atom_id res chain seq x y z
N ASP A 29 17.34 -31.50 -17.75
CA ASP A 29 15.90 -31.59 -17.49
C ASP A 29 15.14 -31.41 -18.81
N CYS A 30 14.28 -32.38 -19.11
CA CYS A 30 13.52 -32.35 -20.35
C CYS A 30 12.52 -31.19 -20.38
N HIS A 31 11.89 -30.90 -19.23
CA HIS A 31 10.85 -29.86 -19.22
C HIS A 31 11.45 -28.48 -19.42
N LEU A 32 12.60 -28.20 -18.79
CA LEU A 32 13.25 -26.91 -18.97
C LEU A 32 13.65 -26.70 -20.43
N SER A 33 14.16 -27.74 -21.08
CA SER A 33 14.57 -27.60 -22.47
C SER A 33 13.38 -27.28 -23.37
N ASP A 34 12.24 -27.94 -23.12
CA ASP A 34 11.04 -27.64 -23.89
C ASP A 34 10.62 -26.18 -23.69
N MET A 35 10.64 -25.71 -22.44
CA MET A 35 10.25 -24.34 -22.15
C MET A 35 11.18 -23.36 -22.84
N LEU A 36 12.49 -23.65 -22.81
CA LEU A 36 13.45 -22.81 -23.51
C LEU A 36 13.11 -22.72 -24.99
N GLN A 37 12.80 -23.84 -25.61
CA GLN A 37 12.48 -23.81 -27.04
C GLN A 37 11.24 -22.96 -27.32
N GLN A 38 10.21 -23.11 -26.48
CA GLN A 38 9.00 -22.30 -26.63
C GLN A 38 9.33 -20.81 -26.53
N LEU A 39 10.03 -20.41 -25.47
CA LEU A 39 10.34 -19.00 -25.27
C LEU A 39 11.23 -18.47 -26.39
N HIS A 40 12.19 -19.27 -26.85
CA HIS A 40 13.04 -18.83 -27.95
C HIS A 40 12.18 -18.55 -29.20
N SER A 41 11.28 -19.46 -29.53
CA SER A 41 10.44 -19.29 -30.70
C SER A 41 9.60 -18.03 -30.59
N VAL A 42 8.97 -17.80 -29.43
CA VAL A 42 8.12 -16.63 -29.27
C VAL A 42 8.94 -15.34 -29.35
N ASN A 43 10.02 -15.25 -28.55
CA ASN A 43 10.76 -13.98 -28.49
C ASN A 43 11.40 -13.65 -29.85
N ALA A 44 11.87 -14.66 -30.57
CA ALA A 44 12.46 -14.42 -31.88
C ALA A 44 11.47 -13.80 -32.88
N SER A 45 10.17 -14.00 -32.67
CA SER A 45 9.17 -13.38 -33.53
C SER A 45 8.91 -11.92 -33.19
N LYS A 46 9.59 -11.38 -32.17
CA LYS A 46 9.42 -9.99 -31.75
C LYS A 46 7.94 -9.65 -31.64
N PRO A 47 7.24 -10.20 -30.64
CA PRO A 47 5.77 -10.12 -30.64
C PRO A 47 5.21 -8.75 -30.31
N SER A 48 5.99 -7.85 -29.73
CA SER A 48 5.51 -6.49 -29.49
C SER A 48 5.80 -5.54 -30.65
N GLU A 49 6.47 -6.01 -31.71
CA GLU A 49 6.81 -5.17 -32.86
C GLU A 49 5.90 -5.44 -34.05
N ARG A 50 4.61 -5.55 -33.83
CA ARG A 50 3.65 -5.81 -34.88
C ARG A 50 2.90 -4.53 -35.18
N GLY A 51 2.41 -4.41 -36.41
CA GLY A 51 1.53 -3.30 -36.74
C GLY A 51 0.32 -3.26 -35.83
N LEU A 52 -0.28 -4.42 -35.55
CA LEU A 52 -1.46 -4.52 -34.70
C LEU A 52 -1.29 -5.71 -33.76
N VAL A 53 -1.09 -5.43 -32.47
CA VAL A 53 -1.00 -6.47 -31.47
C VAL A 53 -2.40 -6.88 -31.04
N ARG A 54 -2.67 -8.18 -31.07
CA ARG A 54 -3.96 -8.74 -30.63
C ARG A 54 -3.72 -9.79 -29.54
N GLN A 55 -3.17 -9.34 -28.42
CA GLN A 55 -2.81 -10.26 -27.34
C GLN A 55 -4.03 -11.06 -26.85
N GLU A 56 -5.19 -10.42 -26.77
CA GLU A 56 -6.38 -11.06 -26.24
C GLU A 56 -6.78 -12.29 -27.03
N GLU A 57 -6.39 -12.36 -28.30
CA GLU A 57 -6.72 -13.53 -29.11
C GLU A 57 -5.96 -14.76 -28.65
N ALA A 58 -4.87 -14.58 -27.90
CA ALA A 58 -4.10 -15.73 -27.40
C ALA A 58 -4.59 -16.26 -26.06
N GLU A 59 -5.50 -15.56 -25.41
CA GLU A 59 -5.95 -15.99 -24.09
C GLU A 59 -6.72 -17.31 -24.19
N ASP A 60 -6.50 -18.19 -23.23
CA ASP A 60 -7.15 -19.50 -23.21
C ASP A 60 -7.38 -19.90 -21.76
N PRO A 61 -8.54 -19.54 -21.21
CA PRO A 61 -8.78 -19.82 -19.78
C PRO A 61 -8.83 -21.30 -19.45
N ALA A 62 -8.89 -22.18 -20.44
CA ALA A 62 -8.84 -23.61 -20.15
C ALA A 62 -7.47 -24.06 -19.68
N CYS A 63 -6.45 -23.20 -19.74
CA CYS A 63 -5.09 -23.57 -19.38
C CYS A 63 -4.66 -23.00 -18.06
N ILE A 64 -5.59 -22.53 -17.23
CA ILE A 64 -5.27 -22.06 -15.89
C ILE A 64 -4.44 -23.18 -15.27
N PRO A 65 -3.30 -22.89 -14.65
CA PRO A 65 -2.56 -23.93 -13.93
C PRO A 65 -3.31 -24.36 -12.68
N ILE A 66 -3.03 -25.59 -12.26
CA ILE A 66 -3.62 -26.09 -11.02
C ILE A 66 -2.85 -25.57 -9.81
N PHE A 67 -1.52 -25.50 -9.92
CA PHE A 67 -0.68 -25.14 -8.79
C PHE A 67 0.19 -23.94 -9.14
N TRP A 68 0.33 -23.04 -8.16
CA TRP A 68 1.31 -21.96 -8.22
C TRP A 68 1.69 -21.63 -6.77
N VAL A 69 2.78 -20.89 -6.62
CA VAL A 69 3.26 -20.47 -5.30
C VAL A 69 2.51 -19.20 -4.92
N SER A 70 1.81 -19.26 -3.78
CA SER A 70 0.97 -18.15 -3.35
C SER A 70 1.59 -17.32 -2.23
N LYS A 71 2.59 -17.86 -1.52
CA LYS A 71 3.36 -17.10 -0.55
C LYS A 71 4.73 -17.74 -0.46
N TRP A 72 5.72 -16.98 0.01
CA TRP A 72 7.03 -17.58 0.26
C TRP A 72 7.77 -16.78 1.34
N VAL A 73 8.74 -17.44 1.96
CA VAL A 73 9.54 -16.85 3.03
C VAL A 73 10.99 -17.27 2.81
N ASP A 74 11.90 -16.30 2.64
CA ASP A 74 13.31 -16.60 2.41
C ASP A 74 14.06 -16.43 3.74
N TYR A 75 14.30 -17.56 4.42
CA TYR A 75 15.08 -17.61 5.65
C TYR A 75 16.37 -18.38 5.41
N SER A 76 16.95 -18.21 4.23
CA SER A 76 18.04 -19.08 3.79
C SER A 76 19.34 -18.85 4.56
N ASP A 77 19.42 -17.82 5.39
CA ASP A 77 20.59 -17.64 6.24
C ASP A 77 20.62 -18.60 7.42
N LYS A 78 19.48 -19.18 7.79
CA LYS A 78 19.40 -20.11 8.90
C LYS A 78 18.71 -21.42 8.57
N TYR A 79 17.65 -21.40 7.76
CA TYR A 79 16.84 -22.61 7.64
C TYR A 79 16.57 -23.05 6.21
N GLY A 80 16.14 -22.11 5.38
CA GLY A 80 15.78 -22.38 4.01
C GLY A 80 14.61 -21.50 3.58
N LEU A 81 13.88 -22.02 2.61
CA LEU A 81 12.86 -21.28 1.85
C LEU A 81 11.54 -22.02 2.04
N GLY A 82 10.63 -21.40 2.78
CA GLY A 82 9.29 -21.92 2.99
C GLY A 82 8.33 -21.30 2.00
N TYR A 83 7.28 -22.04 1.68
CA TYR A 83 6.32 -21.53 0.71
C TYR A 83 4.96 -22.17 0.93
N GLN A 84 3.96 -21.53 0.34
CA GLN A 84 2.60 -22.03 0.28
C GLN A 84 2.22 -22.18 -1.18
N LEU A 85 1.53 -23.25 -1.51
CA LEU A 85 0.90 -23.40 -2.82
C LEU A 85 -0.55 -22.95 -2.73
N CYS A 86 -1.13 -22.67 -3.90
CA CYS A 86 -2.46 -22.05 -3.95
C CYS A 86 -3.56 -22.96 -3.39
N ASP A 87 -3.29 -24.26 -3.21
CA ASP A 87 -4.26 -25.14 -2.57
C ASP A 87 -4.16 -25.13 -1.04
N ASN A 88 -3.30 -24.29 -0.47
CA ASN A 88 -3.06 -24.08 0.96
C ASN A 88 -2.12 -25.12 1.57
N SER A 89 -1.58 -26.05 0.79
CA SER A 89 -0.48 -26.85 1.30
C SER A 89 0.74 -25.96 1.48
N VAL A 90 1.71 -26.44 2.27
CA VAL A 90 2.92 -25.68 2.54
C VAL A 90 4.12 -26.59 2.34
N GLY A 91 5.30 -25.96 2.24
CA GLY A 91 6.52 -26.73 2.09
C GLY A 91 7.72 -25.90 2.45
N VAL A 92 8.85 -26.59 2.62
CA VAL A 92 10.14 -25.95 2.85
C VAL A 92 11.17 -26.66 1.99
N LEU A 93 12.05 -25.89 1.34
CA LEU A 93 13.29 -26.42 0.74
C LEU A 93 14.40 -25.98 1.68
N PHE A 94 14.88 -26.93 2.51
CA PHE A 94 15.85 -26.62 3.55
C PHE A 94 17.24 -26.41 2.95
N ASN A 95 18.12 -25.80 3.75
CA ASN A 95 19.46 -25.48 3.28
C ASN A 95 20.26 -26.71 2.97
N ASP A 96 19.86 -27.89 3.48
CA ASP A 96 20.55 -29.13 3.17
C ASP A 96 19.99 -29.84 1.94
N SER A 97 19.12 -29.16 1.19
CA SER A 97 18.55 -29.61 -0.09
C SER A 97 17.50 -30.70 0.04
N THR A 98 16.96 -30.94 1.25
CA THR A 98 15.78 -31.78 1.42
C THR A 98 14.53 -30.90 1.49
N ARG A 99 13.38 -31.49 1.25
CA ARG A 99 12.10 -30.77 1.32
C ARG A 99 11.09 -31.53 2.14
N LEU A 100 10.25 -30.78 2.86
CA LEU A 100 9.14 -31.33 3.63
C LEU A 100 7.88 -30.57 3.24
N ILE A 101 6.82 -31.31 2.91
CA ILE A 101 5.56 -30.75 2.45
C ILE A 101 4.45 -31.19 3.40
N LEU A 102 3.60 -30.26 3.82
CA LEU A 102 2.40 -30.56 4.59
C LEU A 102 1.17 -30.33 3.72
N TYR A 103 0.37 -31.38 3.52
CA TYR A 103 -0.81 -31.28 2.71
C TYR A 103 -1.84 -30.37 3.38
N ASN A 104 -2.82 -29.93 2.61
CA ASN A 104 -3.83 -29.02 3.15
C ASN A 104 -4.79 -29.71 4.14
N ASP A 105 -4.67 -31.00 4.37
CA ASP A 105 -5.39 -31.62 5.47
C ASP A 105 -4.74 -31.31 6.83
N GLY A 106 -3.53 -30.77 6.85
CA GLY A 106 -2.89 -30.39 8.08
C GLY A 106 -2.30 -31.52 8.90
N ASP A 107 -2.31 -32.76 8.38
CA ASP A 107 -1.71 -33.91 9.06
C ASP A 107 -0.76 -34.67 8.15
N SER A 108 -1.13 -34.88 6.89
CA SER A 108 -0.30 -35.66 5.97
C SER A 108 0.98 -34.90 5.59
N LEU A 109 2.09 -35.63 5.53
CA LEU A 109 3.40 -35.08 5.23
C LEU A 109 4.11 -35.90 4.16
N GLN A 110 4.93 -35.22 3.37
CA GLN A 110 5.77 -35.85 2.36
C GLN A 110 7.18 -35.30 2.48
N TYR A 111 8.15 -36.21 2.62
CA TYR A 111 9.56 -35.86 2.78
C TYR A 111 10.29 -36.26 1.51
N ILE A 112 11.02 -35.31 0.93
CA ILE A 112 11.78 -35.55 -0.30
C ILE A 112 13.25 -35.35 0.01
N GLU A 113 14.03 -36.43 -0.09
CA GLU A 113 15.45 -36.39 0.24
C GLU A 113 16.24 -35.75 -0.89
N ARG A 114 17.55 -35.62 -0.66
CA ARG A 114 18.41 -34.89 -1.60
C ARG A 114 18.40 -35.50 -2.99
N ASP A 115 18.23 -36.82 -3.09
CA ASP A 115 18.21 -37.49 -4.38
C ASP A 115 16.82 -37.67 -4.94
N GLY A 116 15.83 -36.94 -4.45
CA GLY A 116 14.48 -37.05 -4.94
C GLY A 116 13.65 -38.15 -4.33
N THR A 117 14.24 -38.99 -3.48
CA THR A 117 13.51 -40.10 -2.88
C THR A 117 12.40 -39.59 -1.96
N GLU A 118 11.18 -40.13 -2.16
CA GLU A 118 10.00 -39.63 -1.47
C GLU A 118 9.51 -40.63 -0.44
N SER A 119 9.09 -40.10 0.71
CA SER A 119 8.53 -40.90 1.79
C SER A 119 7.35 -40.15 2.39
N TYR A 120 6.46 -40.90 3.04
CA TYR A 120 5.20 -40.37 3.49
C TYR A 120 5.03 -40.66 4.97
N LEU A 121 4.53 -39.64 5.69
CA LEU A 121 4.34 -39.75 7.13
C LEU A 121 3.25 -38.76 7.53
N THR A 122 3.09 -38.55 8.82
CA THR A 122 2.04 -37.66 9.33
C THR A 122 2.55 -36.92 10.55
N VAL A 123 1.85 -35.85 10.92
CA VAL A 123 2.23 -35.06 12.07
C VAL A 123 2.20 -35.88 13.35
N SER A 124 1.26 -36.83 13.44
CA SER A 124 1.10 -37.59 14.69
C SER A 124 2.05 -38.77 14.77
N SER A 125 2.50 -39.29 13.62
CA SER A 125 3.37 -40.47 13.59
C SER A 125 4.48 -40.19 12.58
N HIS A 126 5.70 -40.02 13.06
CA HIS A 126 6.81 -39.62 12.21
C HIS A 126 8.12 -40.06 12.85
N PRO A 127 9.16 -40.30 12.07
CA PRO A 127 10.48 -40.59 12.66
C PRO A 127 10.94 -39.42 13.52
N ASN A 128 11.58 -39.76 14.65
CA ASN A 128 12.03 -38.71 15.55
C ASN A 128 13.07 -37.82 14.89
N SER A 129 13.80 -38.36 13.89
CA SER A 129 14.83 -37.58 13.19
C SER A 129 14.26 -36.41 12.41
N LEU A 130 12.96 -36.39 12.14
CA LEU A 130 12.33 -35.30 11.40
C LEU A 130 11.64 -34.29 12.31
N MET A 131 11.68 -34.50 13.64
CA MET A 131 10.93 -33.66 14.56
C MET A 131 11.31 -32.19 14.41
N LYS A 132 12.60 -31.90 14.26
CA LYS A 132 13.04 -30.51 14.16
C LYS A 132 12.55 -29.86 12.88
N LYS A 133 12.59 -30.59 11.75
CA LYS A 133 12.14 -30.02 10.48
C LYS A 133 10.63 -29.82 10.47
N ILE A 134 9.88 -30.72 11.12
CA ILE A 134 8.43 -30.54 11.24
C ILE A 134 8.10 -29.27 12.01
N THR A 135 8.76 -29.08 13.14
CA THR A 135 8.56 -27.86 13.93
C THR A 135 8.89 -26.62 13.12
N LEU A 136 10.01 -26.66 12.38
CA LEU A 136 10.37 -25.56 11.50
C LEU A 136 9.27 -25.29 10.48
N LEU A 137 8.70 -26.36 9.91
CA LEU A 137 7.63 -26.16 8.93
C LEU A 137 6.46 -25.41 9.53
N LYS A 138 6.08 -25.76 10.77
CA LYS A 138 4.93 -25.09 11.40
C LYS A 138 5.21 -23.62 11.63
N TYR A 139 6.46 -23.25 11.94
CA TYR A 139 6.80 -21.83 12.10
C TYR A 139 6.63 -21.08 10.78
N PHE A 140 7.19 -21.62 9.69
CA PHE A 140 6.96 -21.05 8.36
C PHE A 140 5.46 -20.90 8.09
N ARG A 141 4.68 -21.96 8.38
CA ARG A 141 3.25 -21.93 8.04
C ARG A 141 2.51 -20.88 8.86
N ASN A 142 2.79 -20.82 10.17
CA ASN A 142 2.12 -19.85 11.02
C ASN A 142 2.52 -18.43 10.64
N TYR A 143 3.79 -18.22 10.30
CA TYR A 143 4.23 -16.90 9.85
C TYR A 143 3.49 -16.49 8.59
N MET A 144 3.41 -17.40 7.62
CA MET A 144 2.78 -17.06 6.35
C MET A 144 1.29 -16.76 6.54
N SER A 145 0.63 -17.56 7.36
CA SER A 145 -0.81 -17.42 7.53
C SER A 145 -1.21 -16.15 8.25
N GLU A 146 -0.30 -15.54 9.03
CA GLU A 146 -0.65 -14.35 9.78
C GLU A 146 0.00 -13.07 9.28
N HIS A 147 0.96 -13.15 8.34
CA HIS A 147 1.62 -11.95 7.85
C HIS A 147 1.52 -11.71 6.36
N LEU A 148 1.24 -12.73 5.55
CA LEU A 148 1.44 -12.63 4.11
C LEU A 148 0.17 -12.81 3.30
N LEU A 149 0.08 -12.05 2.21
CA LEU A 149 -1.04 -12.07 1.28
C LEU A 149 -0.95 -13.26 0.34
N LYS A 150 -2.11 -13.80 -0.03
CA LYS A 150 -2.18 -14.95 -0.90
C LYS A 150 -2.30 -14.51 -2.35
N ALA A 151 -1.29 -14.78 -3.16
CA ALA A 151 -1.35 -14.45 -4.58
C ALA A 151 -2.29 -15.39 -5.32
N GLY A 152 -3.07 -14.83 -6.23
CA GLY A 152 -4.07 -15.60 -6.96
C GLY A 152 -5.23 -16.11 -6.12
N ALA A 153 -5.50 -15.48 -4.98
CA ALA A 153 -6.60 -15.92 -4.14
C ALA A 153 -7.94 -15.81 -4.87
N ASN A 154 -8.03 -14.98 -5.91
CA ASN A 154 -9.29 -14.81 -6.62
C ASN A 154 -9.63 -16.04 -7.46
N ILE A 155 -8.61 -16.78 -7.93
CA ILE A 155 -8.85 -17.89 -8.85
C ILE A 155 -9.54 -19.03 -8.11
N THR A 156 -10.61 -19.58 -8.71
CA THR A 156 -11.44 -20.64 -8.16
C THR A 156 -10.91 -22.00 -8.60
N PRO A 157 -10.93 -23.01 -7.72
CA PRO A 157 -10.48 -24.35 -8.12
C PRO A 157 -11.56 -25.10 -8.88
N ARG A 158 -11.14 -25.83 -9.90
CA ARG A 158 -12.04 -26.65 -10.71
C ARG A 158 -12.21 -28.03 -10.08
N GLU A 159 -13.21 -28.76 -10.56
CA GLU A 159 -13.48 -30.11 -10.06
C GLU A 159 -12.45 -31.09 -10.62
N GLY A 160 -12.06 -32.07 -9.78
CA GLY A 160 -11.05 -33.02 -10.14
C GLY A 160 -9.63 -32.55 -9.94
N ASP A 161 -9.39 -31.25 -9.81
CA ASP A 161 -8.04 -30.74 -9.61
C ASP A 161 -7.45 -31.23 -8.29
N GLU A 162 -8.28 -31.58 -7.31
CA GLU A 162 -7.79 -32.09 -6.04
C GLU A 162 -7.25 -33.53 -6.15
N LEU A 163 -7.32 -34.15 -7.32
CA LEU A 163 -6.72 -35.45 -7.57
C LEU A 163 -5.28 -35.35 -8.06
N ALA A 164 -4.83 -34.15 -8.43
CA ALA A 164 -3.53 -34.00 -9.04
C ALA A 164 -2.41 -34.24 -8.03
N ARG A 165 -1.29 -34.78 -8.53
CA ARG A 165 -0.12 -34.99 -7.70
C ARG A 165 0.46 -33.66 -7.24
N LEU A 166 0.80 -33.58 -5.96
CA LEU A 166 1.34 -32.35 -5.40
C LEU A 166 2.80 -32.19 -5.79
N PRO A 167 3.18 -31.11 -6.48
CA PRO A 167 4.60 -30.88 -6.76
C PRO A 167 5.30 -30.26 -5.57
N TYR A 168 6.63 -30.32 -5.59
CA TYR A 168 7.47 -29.69 -4.57
C TYR A 168 8.45 -28.73 -5.26
N LEU A 169 9.08 -27.87 -4.45
CA LEU A 169 10.01 -26.86 -4.97
C LEU A 169 11.35 -27.55 -5.23
N ARG A 170 11.71 -27.70 -6.50
CA ARG A 170 12.97 -28.34 -6.86
C ARG A 170 14.14 -27.40 -6.62
N THR A 171 14.03 -26.15 -7.06
CA THR A 171 15.07 -25.16 -6.75
C THR A 171 14.50 -23.76 -6.90
N TRP A 172 15.30 -22.79 -6.46
CA TRP A 172 14.90 -21.39 -6.46
C TRP A 172 16.15 -20.54 -6.36
N PHE A 173 16.08 -19.33 -6.91
CA PHE A 173 17.11 -18.32 -6.66
C PHE A 173 16.49 -16.93 -6.77
N ARG A 174 17.25 -15.94 -6.32
CA ARG A 174 16.82 -14.56 -6.20
C ARG A 174 17.75 -13.69 -7.02
N THR A 175 17.18 -12.79 -7.80
CA THR A 175 17.98 -11.83 -8.56
C THR A 175 17.64 -10.42 -8.08
N ARG A 176 18.27 -9.43 -8.72
CA ARG A 176 17.96 -8.04 -8.40
C ARG A 176 16.47 -7.75 -8.55
N SER A 177 15.86 -8.27 -9.61
CA SER A 177 14.49 -7.90 -9.95
C SER A 177 13.43 -8.95 -9.59
N ALA A 178 13.80 -10.19 -9.30
CA ALA A 178 12.77 -11.20 -9.16
C ALA A 178 13.23 -12.41 -8.35
N ILE A 179 12.26 -13.21 -7.92
CA ILE A 179 12.54 -14.53 -7.38
C ILE A 179 12.04 -15.56 -8.38
N ILE A 180 12.83 -16.61 -8.60
CA ILE A 180 12.54 -17.65 -9.59
C ILE A 180 12.31 -18.96 -8.85
N LEU A 181 11.19 -19.60 -9.15
CA LEU A 181 10.77 -20.81 -8.45
C LEU A 181 10.52 -21.90 -9.48
N HIS A 182 11.20 -23.03 -9.32
CA HIS A 182 11.13 -24.16 -10.26
C HIS A 182 10.47 -25.32 -9.54
N LEU A 183 9.26 -25.67 -9.98
CA LEU A 183 8.48 -26.71 -9.35
C LEU A 183 8.74 -28.06 -10.03
N SER A 184 8.54 -29.13 -9.25
CA SER A 184 8.87 -30.49 -9.70
C SER A 184 7.98 -30.99 -10.83
N ASN A 185 6.84 -30.36 -11.07
CA ASN A 185 6.02 -30.72 -12.23
C ASN A 185 6.47 -30.04 -13.51
N GLY A 186 7.54 -29.25 -13.49
CA GLY A 186 8.03 -28.57 -14.69
C GLY A 186 7.67 -27.10 -14.76
N SER A 187 6.76 -26.64 -13.93
CA SER A 187 6.39 -25.23 -13.92
C SER A 187 7.55 -24.38 -13.39
N VAL A 188 7.70 -23.20 -13.98
CA VAL A 188 8.63 -22.15 -13.52
C VAL A 188 7.80 -20.90 -13.26
N GLN A 189 7.88 -20.38 -12.03
CA GLN A 189 7.21 -19.14 -11.64
C GLN A 189 8.24 -18.05 -11.37
N ILE A 190 7.94 -16.83 -11.81
CA ILE A 190 8.81 -15.66 -11.62
C ILE A 190 7.98 -14.52 -11.01
N ASN A 191 8.34 -14.09 -9.81
CA ASN A 191 7.65 -12.98 -9.13
C ASN A 191 8.56 -11.77 -9.13
N PHE A 192 8.12 -10.67 -9.74
CA PHE A 192 8.92 -9.45 -9.79
C PHE A 192 8.62 -8.58 -8.57
N PHE A 193 9.67 -8.13 -7.87
CA PHE A 193 9.46 -7.43 -6.60
C PHE A 193 8.83 -6.06 -6.82
N GLN A 194 9.29 -5.31 -7.82
CA GLN A 194 8.98 -3.89 -7.88
C GLN A 194 7.47 -3.66 -8.04
N ASP A 195 6.86 -4.31 -9.04
CA ASP A 195 5.47 -4.03 -9.38
C ASP A 195 4.53 -5.18 -9.05
N HIS A 196 5.01 -6.21 -8.37
CA HIS A 196 4.23 -7.37 -7.93
C HIS A 196 3.67 -8.20 -9.08
N THR A 197 4.15 -8.00 -10.30
CA THR A 197 3.71 -8.85 -11.40
C THR A 197 4.33 -10.24 -11.29
N LYS A 198 3.66 -11.23 -11.86
CA LYS A 198 4.11 -12.61 -11.76
C LYS A 198 3.81 -13.36 -13.05
N LEU A 199 4.71 -14.28 -13.38
CA LEU A 199 4.55 -15.20 -14.50
C LEU A 199 4.55 -16.64 -13.99
N ILE A 200 3.68 -17.47 -14.56
CA ILE A 200 3.66 -18.90 -14.31
C ILE A 200 3.78 -19.58 -15.68
N LEU A 201 4.90 -20.22 -15.93
CA LEU A 201 5.17 -20.87 -17.21
C LEU A 201 4.90 -22.36 -17.07
N CYS A 202 4.09 -22.90 -17.99
CA CYS A 202 3.74 -24.32 -18.01
C CYS A 202 4.21 -24.91 -19.32
N PRO A 203 5.32 -25.66 -19.32
CA PRO A 203 5.77 -26.25 -20.61
C PRO A 203 4.86 -27.34 -21.15
N LEU A 204 4.10 -28.02 -20.31
CA LEU A 204 3.22 -29.09 -20.82
C LEU A 204 2.12 -28.51 -21.70
N MET A 205 1.61 -27.32 -21.35
CA MET A 205 0.59 -26.66 -22.15
C MET A 205 1.15 -25.63 -23.12
N ALA A 206 2.46 -25.42 -23.11
CA ALA A 206 3.11 -24.32 -23.83
C ALA A 206 2.34 -23.03 -23.59
N ALA A 207 2.14 -22.73 -22.31
CA ALA A 207 1.27 -21.63 -21.88
C ALA A 207 1.99 -20.78 -20.84
N VAL A 208 1.54 -19.54 -20.72
CA VAL A 208 2.05 -18.64 -19.70
C VAL A 208 0.87 -17.91 -19.08
N THR A 209 0.83 -17.89 -17.76
CA THR A 209 -0.14 -17.09 -17.01
C THR A 209 0.57 -15.85 -16.52
N TYR A 210 -0.05 -14.69 -16.73
CA TYR A 210 0.50 -13.41 -16.33
C TYR A 210 -0.44 -12.74 -15.33
N ILE A 211 0.08 -12.36 -14.17
CA ILE A 211 -0.66 -11.60 -13.18
C ILE A 211 -0.08 -10.20 -13.21
N ASP A 212 -0.86 -9.23 -13.69
CA ASP A 212 -0.37 -7.87 -13.87
C ASP A 212 -0.50 -7.08 -12.57
N GLU A 213 -0.14 -5.80 -12.61
CA GLU A 213 -0.01 -5.04 -11.38
C GLU A 213 -1.35 -4.71 -10.71
N LYS A 214 -2.47 -5.00 -11.38
CA LYS A 214 -3.79 -4.87 -10.79
C LYS A 214 -4.32 -6.22 -10.28
N ARG A 215 -3.48 -7.25 -10.27
CA ARG A 215 -3.84 -8.59 -9.84
CA ARG A 215 -3.84 -8.60 -9.84
C ARG A 215 -4.81 -9.27 -10.80
N ASP A 216 -4.84 -8.83 -12.06
CA ASP A 216 -5.61 -9.51 -13.09
C ASP A 216 -4.82 -10.72 -13.59
N PHE A 217 -5.50 -11.87 -13.66
CA PHE A 217 -4.91 -13.20 -13.86
C PHE A 217 -5.37 -13.70 -15.24
N ARG A 218 -4.41 -13.84 -16.17
CA ARG A 218 -4.76 -14.27 -17.52
C ARG A 218 -3.77 -15.28 -18.06
N THR A 219 -4.28 -16.31 -18.73
CA THR A 219 -3.45 -17.39 -19.26
C THR A 219 -3.44 -17.35 -20.78
N TYR A 220 -2.25 -17.44 -21.37
CA TYR A 220 -2.07 -17.35 -22.80
C TYR A 220 -1.34 -18.57 -23.35
N ARG A 221 -1.72 -18.99 -24.54
CA ARG A 221 -0.96 -19.99 -25.29
C ARG A 221 0.21 -19.29 -25.98
N LEU A 222 1.42 -19.82 -25.76
CA LEU A 222 2.61 -19.19 -26.33
C LEU A 222 2.58 -19.17 -27.85
N SER A 223 2.06 -20.23 -28.47
CA SER A 223 1.97 -20.25 -29.94
C SER A 223 1.11 -19.11 -30.46
N LEU A 224 0.08 -18.71 -29.71
CA LEU A 224 -0.80 -17.66 -30.18
C LEU A 224 -0.22 -16.27 -29.91
N LEU A 225 0.59 -16.12 -28.85
CA LEU A 225 1.31 -14.86 -28.68
C LEU A 225 2.29 -14.65 -29.84
N GLU A 226 2.93 -15.73 -30.30
CA GLU A 226 3.83 -15.64 -31.44
C GLU A 226 3.05 -15.22 -32.68
N GLU A 227 1.84 -15.77 -32.88
CA GLU A 227 1.08 -15.44 -34.08
C GLU A 227 0.43 -14.06 -34.01
N TYR A 228 -0.21 -13.72 -32.88
CA TYR A 228 -1.01 -12.52 -32.79
C TYR A 228 -0.31 -11.37 -32.07
N GLY A 229 0.80 -11.61 -31.39
CA GLY A 229 1.56 -10.56 -30.76
C GLY A 229 1.19 -10.36 -29.31
N CYS A 230 1.96 -9.51 -28.63
CA CYS A 230 1.62 -9.16 -27.26
C CYS A 230 2.21 -7.79 -26.94
N CYS A 231 1.74 -7.21 -25.83
CA CYS A 231 2.18 -5.87 -25.45
C CYS A 231 3.62 -5.86 -24.96
N LYS A 232 4.19 -4.64 -24.93
CA LYS A 232 5.59 -4.45 -24.59
C LYS A 232 5.90 -4.98 -23.18
N GLU A 233 4.99 -4.78 -22.24
CA GLU A 233 5.26 -5.20 -20.87
C GLU A 233 5.41 -6.72 -20.78
N LEU A 234 4.48 -7.46 -21.40
CA LEU A 234 4.56 -8.91 -21.34
C LEU A 234 5.73 -9.42 -22.16
N ALA A 235 5.98 -8.80 -23.31
CA ALA A 235 7.13 -9.19 -24.13
C ALA A 235 8.43 -9.04 -23.37
N SER A 236 8.54 -8.01 -22.54
CA SER A 236 9.75 -7.82 -21.75
C SER A 236 9.89 -8.89 -20.67
N ARG A 237 8.79 -9.23 -20.00
CA ARG A 237 8.84 -10.28 -18.98
C ARG A 237 9.21 -11.61 -19.63
N LEU A 238 8.74 -11.87 -20.86
CA LEU A 238 9.05 -13.14 -21.51
C LEU A 238 10.52 -13.23 -21.94
N ARG A 239 11.15 -12.10 -22.29
CA ARG A 239 12.59 -12.13 -22.53
C ARG A 239 13.35 -12.43 -21.24
N TYR A 240 12.96 -11.79 -20.14
CA TYR A 240 13.53 -12.10 -18.83
C TYR A 240 13.36 -13.58 -18.49
N ALA A 241 12.15 -14.11 -18.66
CA ALA A 241 11.92 -15.52 -18.40
C ALA A 241 12.92 -16.40 -19.13
N ARG A 242 13.17 -16.10 -20.40
CA ARG A 242 14.10 -16.92 -21.19
C ARG A 242 15.51 -16.86 -20.61
N THR A 243 15.96 -15.67 -20.19
CA THR A 243 17.27 -15.55 -19.56
C THR A 243 17.35 -16.40 -18.31
N MET A 244 16.26 -16.45 -17.52
CA MET A 244 16.24 -17.20 -16.27
C MET A 244 16.18 -18.70 -16.51
N VAL A 245 15.44 -19.15 -17.53
CA VAL A 245 15.44 -20.58 -17.84
C VAL A 245 16.82 -21.01 -18.33
N ASP A 246 17.48 -20.17 -19.15
CA ASP A 246 18.87 -20.43 -19.54
C ASP A 246 19.75 -20.60 -18.30
N LYS A 247 19.55 -19.76 -17.28
CA LYS A 247 20.34 -19.88 -16.04
C LYS A 247 20.01 -21.17 -15.29
N LEU A 248 18.74 -21.54 -15.21
CA LEU A 248 18.39 -22.79 -14.53
C LEU A 248 19.11 -23.96 -15.19
N LEU A 249 19.19 -23.95 -16.52
CA LEU A 249 19.88 -25.04 -17.22
C LEU A 249 21.39 -24.94 -17.06
N SER A 250 21.95 -23.73 -16.94
CA SER A 250 23.38 -23.55 -16.71
C SER A 250 23.86 -24.34 -15.50
N SER A 251 23.20 -24.14 -14.35
CA SER A 251 23.52 -24.88 -13.14
C SER A 251 22.69 -26.17 -13.07
N VAL B 28 -0.78 23.61 19.42
CA VAL B 28 -0.17 24.71 20.16
C VAL B 28 -1.17 25.34 21.12
N ASP B 29 -0.93 25.15 22.42
CA ASP B 29 -1.88 25.63 23.43
C ASP B 29 -1.98 27.15 23.43
N CYS B 30 -0.86 27.84 23.18
CA CYS B 30 -0.88 29.31 23.19
C CYS B 30 -1.58 29.87 21.97
N HIS B 31 -1.44 29.21 20.81
CA HIS B 31 -2.12 29.67 19.60
C HIS B 31 -3.62 29.44 19.69
N LEU B 32 -4.03 28.27 20.21
CA LEU B 32 -5.46 28.00 20.38
C LEU B 32 -6.08 28.97 21.37
N SER B 33 -5.31 29.41 22.38
CA SER B 33 -5.84 30.33 23.36
C SER B 33 -6.10 31.69 22.75
N ASP B 34 -5.15 32.19 21.95
CA ASP B 34 -5.37 33.46 21.24
C ASP B 34 -6.55 33.37 20.30
N MET B 35 -6.67 32.26 19.57
CA MET B 35 -7.80 32.10 18.64
C MET B 35 -9.12 32.07 19.40
N LEU B 36 -9.15 31.41 20.56
CA LEU B 36 -10.37 31.39 21.37
C LEU B 36 -10.77 32.81 21.77
N GLN B 37 -9.82 33.59 22.27
CA GLN B 37 -10.11 34.99 22.60
C GLN B 37 -10.56 35.77 21.37
N GLN B 38 -9.91 35.54 20.22
CA GLN B 38 -10.30 36.23 18.99
C GLN B 38 -11.74 35.89 18.61
N LEU B 39 -12.11 34.62 18.72
CA LEU B 39 -13.47 34.21 18.35
C LEU B 39 -14.49 34.72 19.36
N HIS B 40 -14.17 34.65 20.66
CA HIS B 40 -15.07 35.21 21.66
C HIS B 40 -15.35 36.67 21.37
N SER B 41 -14.31 37.44 21.05
CA SER B 41 -14.49 38.86 20.76
C SER B 41 -15.44 39.07 19.59
N VAL B 42 -15.15 38.49 18.42
CA VAL B 42 -16.00 38.77 17.26
C VAL B 42 -17.43 38.27 17.50
N ASN B 43 -17.59 37.08 18.06
CA ASN B 43 -18.94 36.57 18.33
C ASN B 43 -19.69 37.44 19.33
N ALA B 44 -18.97 38.02 20.31
CA ALA B 44 -19.63 38.90 21.26
C ALA B 44 -20.19 40.15 20.62
N SER B 45 -19.63 40.59 19.49
CA SER B 45 -20.13 41.79 18.83
C SER B 45 -21.35 41.52 17.95
N LYS B 46 -21.79 40.28 17.83
CA LYS B 46 -22.96 39.95 17.02
C LYS B 46 -22.85 40.58 15.64
N PRO B 47 -21.89 40.15 14.84
CA PRO B 47 -21.63 40.85 13.57
C PRO B 47 -22.74 40.76 12.54
N SER B 48 -23.68 39.82 12.65
CA SER B 48 -24.75 39.74 11.66
C SER B 48 -26.01 40.51 12.06
N GLU B 49 -26.11 40.93 13.31
CA GLU B 49 -27.29 41.65 13.79
C GLU B 49 -27.06 43.15 13.73
N ARG B 50 -26.99 43.66 12.51
CA ARG B 50 -26.71 45.08 12.30
C ARG B 50 -27.49 45.59 11.11
N GLY B 51 -28.00 46.82 11.24
CA GLY B 51 -28.72 47.41 10.13
C GLY B 51 -27.91 47.43 8.85
N LEU B 52 -26.70 47.97 8.93
CA LEU B 52 -25.79 48.01 7.80
C LEU B 52 -24.66 47.00 8.03
N VAL B 53 -24.36 46.22 7.00
CA VAL B 53 -23.25 45.29 7.00
C VAL B 53 -22.38 45.64 5.81
N ARG B 54 -21.10 45.92 6.08
CA ARG B 54 -20.14 46.21 5.02
C ARG B 54 -19.02 45.18 5.07
N GLN B 55 -19.36 43.91 4.82
CA GLN B 55 -18.41 42.82 4.98
C GLN B 55 -17.18 43.00 4.11
N GLU B 56 -17.34 43.67 2.96
CA GLU B 56 -16.22 43.88 2.06
C GLU B 56 -15.11 44.71 2.68
N GLU B 57 -15.46 45.63 3.58
CA GLU B 57 -14.46 46.46 4.25
C GLU B 57 -13.63 45.68 5.27
N ALA B 58 -14.04 44.46 5.65
CA ALA B 58 -13.25 43.64 6.57
C ALA B 58 -12.25 42.75 5.84
N GLU B 59 -12.22 42.80 4.52
CA GLU B 59 -11.28 41.98 3.75
C GLU B 59 -9.86 42.51 3.87
N ASP B 60 -8.90 41.59 3.90
CA ASP B 60 -7.48 41.94 3.89
C ASP B 60 -6.75 40.85 3.12
N PRO B 61 -6.63 41.00 1.80
CA PRO B 61 -5.95 39.96 1.01
C PRO B 61 -4.54 39.66 1.47
N ALA B 62 -3.90 40.58 2.19
CA ALA B 62 -2.56 40.32 2.68
C ALA B 62 -2.49 39.16 3.68
N CYS B 63 -3.63 38.72 4.21
CA CYS B 63 -3.63 37.66 5.22
C CYS B 63 -3.95 36.26 4.66
N ILE B 64 -3.98 36.10 3.35
CA ILE B 64 -4.27 34.82 2.71
C ILE B 64 -3.33 33.76 3.30
N PRO B 65 -3.82 32.60 3.71
CA PRO B 65 -2.93 31.59 4.28
C PRO B 65 -1.99 30.99 3.24
N ILE B 66 -0.90 30.41 3.73
CA ILE B 66 0.04 29.70 2.87
C ILE B 66 -0.32 28.23 2.73
N PHE B 67 -0.68 27.59 3.85
CA PHE B 67 -1.01 26.17 3.88
C PHE B 67 -2.44 25.95 4.33
N TRP B 68 -3.12 25.00 3.66
CA TRP B 68 -4.39 24.46 4.14
C TRP B 68 -4.49 23.01 3.67
N VAL B 69 -5.46 22.28 4.22
CA VAL B 69 -5.71 20.89 3.84
C VAL B 69 -6.65 20.90 2.64
N SER B 70 -6.21 20.30 1.54
CA SER B 70 -6.98 20.28 0.30
C SER B 70 -7.70 18.97 0.04
N LYS B 71 -7.26 17.86 0.67
CA LYS B 71 -7.89 16.56 0.55
C LYS B 71 -7.64 15.76 1.82
N TRP B 72 -8.53 14.80 2.11
CA TRP B 72 -8.31 13.92 3.26
C TRP B 72 -9.17 12.65 3.19
N VAL B 73 -8.70 11.61 3.87
CA VAL B 73 -9.37 10.32 3.91
C VAL B 73 -9.31 9.77 5.33
N ASP B 74 -10.46 9.42 5.89
CA ASP B 74 -10.53 8.88 7.24
C ASP B 74 -10.48 7.36 7.20
N TYR B 75 -9.26 6.83 7.28
CA TYR B 75 -9.03 5.39 7.45
C TYR B 75 -8.70 5.04 8.90
N SER B 76 -9.28 5.77 9.84
CA SER B 76 -8.93 5.63 11.25
C SER B 76 -9.37 4.31 11.84
N ASP B 77 -10.21 3.54 11.13
CA ASP B 77 -10.58 2.22 11.60
C ASP B 77 -9.39 1.27 11.60
N LYS B 78 -8.42 1.48 10.71
CA LYS B 78 -7.27 0.57 10.58
C LYS B 78 -5.95 1.33 10.71
N TYR B 79 -5.68 2.30 9.84
CA TYR B 79 -4.37 2.93 9.75
C TYR B 79 -4.34 4.33 10.34
N GLY B 80 -5.24 5.21 9.91
CA GLY B 80 -5.25 6.57 10.44
C GLY B 80 -5.88 7.55 9.46
N LEU B 81 -5.43 8.81 9.55
CA LEU B 81 -5.99 9.91 8.78
C LEU B 81 -4.94 10.40 7.78
N GLY B 82 -5.21 10.22 6.51
CA GLY B 82 -4.36 10.74 5.45
C GLY B 82 -4.89 12.05 4.90
N TYR B 83 -3.97 12.90 4.47
CA TYR B 83 -4.35 14.22 3.98
C TYR B 83 -3.30 14.76 3.01
N GLN B 84 -3.73 15.70 2.18
CA GLN B 84 -2.87 16.46 1.29
C GLN B 84 -2.97 17.93 1.64
N LEU B 85 -1.83 18.62 1.70
CA LEU B 85 -1.79 20.06 1.82
C LEU B 85 -1.80 20.71 0.43
N CYS B 86 -2.13 22.00 0.39
CA CYS B 86 -2.35 22.70 -0.88
C CYS B 86 -1.10 22.78 -1.74
N ASP B 87 0.08 22.54 -1.17
CA ASP B 87 1.32 22.50 -1.94
C ASP B 87 1.61 21.11 -2.49
N ASN B 88 0.64 20.20 -2.43
CA ASN B 88 0.68 18.83 -2.94
C ASN B 88 1.54 17.90 -2.11
N SER B 89 2.15 18.39 -1.02
CA SER B 89 2.72 17.48 -0.05
C SER B 89 1.62 16.61 0.55
N VAL B 90 2.01 15.48 1.13
CA VAL B 90 1.09 14.53 1.72
C VAL B 90 1.60 14.14 3.09
N GLY B 91 0.65 13.82 3.97
CA GLY B 91 1.00 13.41 5.32
C GLY B 91 -0.01 12.41 5.82
N VAL B 92 0.35 11.75 6.91
CA VAL B 92 -0.53 10.82 7.61
C VAL B 92 -0.37 11.01 9.11
N LEU B 93 -1.48 10.97 9.83
CA LEU B 93 -1.48 10.90 11.29
C LEU B 93 -1.97 9.51 11.64
N PHE B 94 -1.03 8.62 11.94
CA PHE B 94 -1.37 7.23 12.22
C PHE B 94 -2.00 7.10 13.59
N ASN B 95 -2.71 5.98 13.77
CA ASN B 95 -3.41 5.73 15.03
C ASN B 95 -2.45 5.61 16.21
N ASP B 96 -1.18 5.26 15.99
CA ASP B 96 -0.20 5.18 17.06
C ASP B 96 0.40 6.53 17.42
N SER B 97 -0.10 7.62 16.83
CA SER B 97 0.26 8.99 17.15
C SER B 97 1.61 9.40 16.60
N THR B 98 2.11 8.69 15.60
CA THR B 98 3.23 9.15 14.79
C THR B 98 2.70 9.81 13.52
N ARG B 99 3.59 10.52 12.84
CA ARG B 99 3.23 11.27 11.65
C ARG B 99 4.33 11.13 10.62
N LEU B 100 3.94 11.04 9.35
CA LEU B 100 4.87 10.90 8.24
C LEU B 100 4.46 11.86 7.14
N ILE B 101 5.38 12.70 6.71
CA ILE B 101 5.12 13.73 5.72
C ILE B 101 5.99 13.47 4.50
N LEU B 102 5.38 13.41 3.33
CA LEU B 102 6.07 13.29 2.05
C LEU B 102 6.02 14.64 1.37
N TYR B 103 7.17 15.32 1.30
CA TYR B 103 7.23 16.63 0.68
C TYR B 103 6.83 16.54 -0.78
N ASN B 104 6.64 17.72 -1.40
CA ASN B 104 6.11 17.76 -2.76
C ASN B 104 7.13 17.37 -3.83
N ASP B 105 8.40 17.15 -3.45
CA ASP B 105 9.36 16.61 -4.40
C ASP B 105 9.15 15.12 -4.63
N GLY B 106 8.39 14.46 -3.76
CA GLY B 106 8.11 13.04 -3.92
C GLY B 106 9.15 12.10 -3.35
N ASP B 107 10.24 12.62 -2.79
CA ASP B 107 11.29 11.80 -2.22
C ASP B 107 11.58 12.15 -0.76
N SER B 108 11.67 13.45 -0.43
CA SER B 108 11.99 13.85 0.93
C SER B 108 10.87 13.44 1.90
N LEU B 109 11.28 13.05 3.11
CA LEU B 109 10.35 12.53 4.10
C LEU B 109 10.70 13.06 5.49
N GLN B 110 9.67 13.34 6.28
CA GLN B 110 9.83 13.76 7.67
C GLN B 110 8.96 12.87 8.53
N TYR B 111 9.54 12.34 9.61
CA TYR B 111 8.87 11.42 10.51
C TYR B 111 8.87 12.01 11.90
N ILE B 112 7.67 12.17 12.49
CA ILE B 112 7.52 12.77 13.80
C ILE B 112 7.01 11.69 14.74
N GLU B 113 7.89 11.23 15.63
CA GLU B 113 7.51 10.20 16.60
C GLU B 113 6.44 10.74 17.55
N ARG B 114 5.99 9.87 18.48
CA ARG B 114 5.00 10.30 19.45
C ARG B 114 5.56 11.40 20.36
N ASP B 115 6.88 11.43 20.55
CA ASP B 115 7.53 12.39 21.42
C ASP B 115 7.76 13.75 20.75
N GLY B 116 7.34 13.91 19.50
CA GLY B 116 7.74 15.04 18.71
C GLY B 116 9.11 14.93 18.09
N THR B 117 9.83 13.83 18.37
CA THR B 117 11.17 13.63 17.81
C THR B 117 11.15 13.64 16.28
N GLU B 118 11.58 14.75 15.69
CA GLU B 118 11.58 14.87 14.24
C GLU B 118 12.80 14.19 13.64
N SER B 119 12.63 13.70 12.41
CA SER B 119 13.70 13.06 11.67
C SER B 119 13.43 13.26 10.18
N TYR B 120 14.50 13.27 9.39
CA TYR B 120 14.44 13.57 7.96
C TYR B 120 15.16 12.48 7.20
N LEU B 121 14.51 11.98 6.15
CA LEU B 121 15.01 10.85 5.38
C LEU B 121 14.53 11.01 3.93
N THR B 122 14.58 9.93 3.15
CA THR B 122 14.10 9.95 1.79
C THR B 122 13.45 8.62 1.44
N VAL B 123 12.53 8.66 0.47
CA VAL B 123 11.87 7.44 0.02
C VAL B 123 12.90 6.47 -0.54
N SER B 124 13.91 6.99 -1.23
CA SER B 124 14.95 6.14 -1.79
C SER B 124 15.78 5.48 -0.71
N SER B 125 15.93 6.12 0.46
CA SER B 125 16.67 5.48 1.55
C SER B 125 16.04 4.14 1.92
N HIS B 126 14.72 4.00 1.73
CA HIS B 126 14.03 2.74 1.95
C HIS B 126 14.28 2.23 3.36
N PRO B 127 13.90 3.00 4.39
CA PRO B 127 14.13 2.56 5.77
C PRO B 127 13.34 1.30 6.07
N ASN B 128 13.97 0.38 6.81
CA ASN B 128 13.31 -0.88 7.11
C ASN B 128 12.23 -0.71 8.16
N SER B 129 12.47 0.14 9.16
CA SER B 129 11.47 0.36 10.21
C SER B 129 10.28 1.19 9.72
N LEU B 130 10.35 1.75 8.52
CA LEU B 130 9.28 2.60 8.01
C LEU B 130 8.70 2.06 6.70
N MET B 131 9.08 0.85 6.29
CA MET B 131 8.58 0.29 5.05
C MET B 131 7.06 0.31 5.03
N LYS B 132 6.44 -0.22 6.09
CA LYS B 132 4.98 -0.28 6.13
C LYS B 132 4.37 1.11 6.03
N LYS B 133 4.75 2.01 6.94
CA LYS B 133 4.15 3.33 6.97
C LYS B 133 4.34 4.05 5.65
N ILE B 134 5.52 3.90 5.03
CA ILE B 134 5.76 4.52 3.74
C ILE B 134 4.80 3.96 2.70
N THR B 135 4.65 2.63 2.67
CA THR B 135 3.74 2.02 1.69
C THR B 135 2.32 2.54 1.90
N LEU B 136 1.85 2.56 3.15
CA LEU B 136 0.50 3.05 3.43
C LEU B 136 0.34 4.49 2.97
N LEU B 137 1.34 5.34 3.22
CA LEU B 137 1.25 6.72 2.75
C LEU B 137 1.11 6.77 1.23
N LYS B 138 1.85 5.94 0.51
CA LYS B 138 1.71 5.96 -0.96
C LYS B 138 0.30 5.59 -1.37
N TYR B 139 -0.30 4.57 -0.72
CA TYR B 139 -1.69 4.21 -0.99
C TYR B 139 -2.61 5.41 -0.75
N PHE B 140 -2.42 6.10 0.38
CA PHE B 140 -3.21 7.31 0.65
C PHE B 140 -3.04 8.31 -0.49
N ARG B 141 -1.78 8.66 -0.80
CA ARG B 141 -1.49 9.58 -1.89
C ARG B 141 -2.18 9.18 -3.18
N ASN B 142 -2.14 7.89 -3.52
CA ASN B 142 -2.70 7.45 -4.80
C ASN B 142 -4.22 7.60 -4.82
N TYR B 143 -4.89 7.19 -3.73
CA TYR B 143 -6.33 7.35 -3.69
C TYR B 143 -6.74 8.83 -3.81
N MET B 144 -6.10 9.70 -3.04
CA MET B 144 -6.47 11.11 -3.08
C MET B 144 -6.26 11.72 -4.45
N SER B 145 -5.17 11.33 -5.12
CA SER B 145 -4.87 11.89 -6.44
C SER B 145 -5.86 11.41 -7.51
N GLU B 146 -6.41 10.21 -7.35
CA GLU B 146 -7.23 9.62 -8.38
C GLU B 146 -8.73 9.71 -8.11
N HIS B 147 -9.12 10.29 -6.97
CA HIS B 147 -10.53 10.26 -6.63
C HIS B 147 -11.09 11.47 -5.89
N LEU B 148 -10.26 12.44 -5.53
CA LEU B 148 -10.72 13.56 -4.73
C LEU B 148 -10.32 14.90 -5.34
N LEU B 149 -11.18 15.89 -5.15
CA LEU B 149 -10.94 17.23 -5.64
C LEU B 149 -10.00 18.00 -4.71
N LYS B 150 -9.25 18.95 -5.30
CA LYS B 150 -8.32 19.77 -4.55
C LYS B 150 -9.01 21.05 -4.09
N ALA B 151 -9.26 21.17 -2.79
CA ALA B 151 -9.89 22.36 -2.27
C ALA B 151 -8.95 23.57 -2.37
N GLY B 152 -9.50 24.68 -2.84
CA GLY B 152 -8.71 25.88 -3.02
C GLY B 152 -7.77 25.85 -4.21
N ALA B 153 -8.13 25.09 -5.25
CA ALA B 153 -7.27 25.00 -6.43
C ALA B 153 -7.14 26.31 -7.17
N ASN B 154 -8.09 27.23 -6.99
CA ASN B 154 -8.07 28.54 -7.62
C ASN B 154 -7.21 29.56 -6.88
N ILE B 155 -6.51 29.16 -5.83
CA ILE B 155 -5.71 30.08 -5.03
C ILE B 155 -4.26 29.96 -5.51
N THR B 156 -3.75 31.06 -6.07
CA THR B 156 -2.39 31.09 -6.60
C THR B 156 -1.38 31.39 -5.48
N PRO B 157 -0.17 30.86 -5.58
CA PRO B 157 0.82 31.03 -4.51
C PRO B 157 1.65 32.29 -4.70
N ARG B 158 1.94 32.94 -3.58
CA ARG B 158 2.79 34.11 -3.60
C ARG B 158 4.26 33.71 -3.68
N GLU B 159 5.10 34.69 -3.99
CA GLU B 159 6.54 34.44 -4.10
C GLU B 159 7.13 34.19 -2.71
N GLY B 160 7.98 33.17 -2.62
CA GLY B 160 8.62 32.84 -1.37
C GLY B 160 7.82 31.94 -0.45
N ASP B 161 6.60 31.55 -0.84
CA ASP B 161 5.84 30.59 -0.04
C ASP B 161 6.51 29.23 -0.01
N GLU B 162 7.40 28.94 -0.97
CA GLU B 162 8.13 27.68 -0.96
C GLU B 162 9.10 27.56 0.21
N LEU B 163 9.54 28.69 0.76
CA LEU B 163 10.48 28.70 1.87
C LEU B 163 9.82 28.43 3.22
N ALA B 164 8.50 28.60 3.31
CA ALA B 164 7.81 28.42 4.58
C ALA B 164 7.98 27.00 5.10
N ARG B 165 8.16 26.88 6.41
CA ARG B 165 8.27 25.56 7.02
C ARG B 165 6.96 24.79 6.85
N LEU B 166 7.06 23.50 6.54
CA LEU B 166 5.88 22.70 6.24
C LEU B 166 5.24 22.21 7.53
N PRO B 167 3.97 22.52 7.78
CA PRO B 167 3.31 22.03 9.00
C PRO B 167 2.80 20.61 8.84
N TYR B 168 2.52 19.99 9.99
CA TYR B 168 1.90 18.67 10.05
C TYR B 168 0.61 18.75 10.87
N LEU B 169 -0.22 17.72 10.75
CA LEU B 169 -1.50 17.68 11.45
C LEU B 169 -1.28 17.30 12.91
N ARG B 170 -1.46 18.25 13.82
CA ARG B 170 -1.32 17.95 15.24
C ARG B 170 -2.46 17.07 15.73
N THR B 171 -3.70 17.47 15.44
CA THR B 171 -4.88 16.77 15.94
C THR B 171 -6.07 17.03 15.02
N TRP B 172 -7.07 16.15 15.11
CA TRP B 172 -8.25 16.27 14.28
C TRP B 172 -9.39 15.50 14.94
N PHE B 173 -10.62 15.86 14.59
CA PHE B 173 -11.79 15.11 15.02
C PHE B 173 -12.92 15.49 14.08
N ARG B 174 -13.96 14.66 14.07
CA ARG B 174 -15.13 14.92 13.24
C ARG B 174 -16.37 14.89 14.10
N THR B 175 -17.31 15.78 13.77
CA THR B 175 -18.65 15.81 14.31
C THR B 175 -19.58 15.28 13.22
N ARG B 176 -20.88 15.26 13.52
CA ARG B 176 -21.84 14.87 12.49
C ARG B 176 -21.88 15.86 11.35
N SER B 177 -21.39 17.08 11.53
CA SER B 177 -21.54 18.13 10.53
C SER B 177 -20.24 18.62 9.94
N ALA B 178 -19.08 18.31 10.54
CA ALA B 178 -17.84 18.91 10.07
C ALA B 178 -16.66 18.07 10.52
N ILE B 179 -15.51 18.29 9.86
CA ILE B 179 -14.22 17.78 10.30
C ILE B 179 -13.37 18.99 10.73
N ILE B 180 -12.66 18.84 11.83
CA ILE B 180 -11.85 19.91 12.41
C ILE B 180 -10.39 19.46 12.35
N LEU B 181 -9.54 20.27 11.73
CA LEU B 181 -8.15 19.94 11.46
C LEU B 181 -7.26 21.02 12.06
N HIS B 182 -6.42 20.65 13.04
CA HIS B 182 -5.55 21.59 13.74
C HIS B 182 -4.11 21.34 13.28
N LEU B 183 -3.53 22.33 12.60
CA LEU B 183 -2.17 22.24 12.07
C LEU B 183 -1.16 22.76 13.10
N SER B 184 0.09 22.30 12.94
CA SER B 184 1.12 22.61 13.93
C SER B 184 1.59 24.06 13.86
N ASN B 185 1.27 24.79 12.80
CA ASN B 185 1.57 26.22 12.75
C ASN B 185 0.55 27.07 13.50
N GLY B 186 -0.43 26.46 14.15
CA GLY B 186 -1.47 27.19 14.85
C GLY B 186 -2.80 27.30 14.13
N SER B 187 -2.82 27.01 12.83
CA SER B 187 -4.06 27.16 12.07
C SER B 187 -5.07 26.06 12.42
N VAL B 188 -6.34 26.44 12.40
CA VAL B 188 -7.46 25.51 12.57
C VAL B 188 -8.37 25.63 11.35
N GLN B 189 -8.69 24.49 10.74
CA GLN B 189 -9.52 24.44 9.55
C GLN B 189 -10.77 23.61 9.83
N ILE B 190 -11.92 24.11 9.40
CA ILE B 190 -13.20 23.43 9.60
C ILE B 190 -13.90 23.33 8.24
N ASN B 191 -14.15 22.08 7.83
CA ASN B 191 -14.82 21.74 6.58
C ASN B 191 -16.21 21.22 6.93
N PHE B 192 -17.24 21.88 6.41
CA PHE B 192 -18.61 21.43 6.62
C PHE B 192 -19.02 20.49 5.49
N PHE B 193 -19.62 19.35 5.88
CA PHE B 193 -19.82 18.23 4.95
C PHE B 193 -20.90 18.54 3.92
N GLN B 194 -22.08 18.96 4.38
CA GLN B 194 -23.26 19.04 3.52
C GLN B 194 -23.12 20.08 2.42
N ASP B 195 -22.69 21.30 2.78
CA ASP B 195 -22.66 22.37 1.78
C ASP B 195 -21.26 22.68 1.28
N HIS B 196 -20.22 21.99 1.78
CA HIS B 196 -18.85 22.10 1.28
C HIS B 196 -18.19 23.42 1.62
N THR B 197 -18.74 24.20 2.55
CA THR B 197 -18.12 25.45 2.96
C THR B 197 -17.00 25.14 3.93
N LYS B 198 -16.01 26.05 3.98
CA LYS B 198 -14.81 25.84 4.77
C LYS B 198 -14.31 27.13 5.41
N LEU B 199 -13.75 26.97 6.62
CA LEU B 199 -13.10 28.04 7.35
C LEU B 199 -11.64 27.67 7.57
N ILE B 200 -10.75 28.64 7.42
CA ILE B 200 -9.34 28.48 7.74
C ILE B 200 -8.97 29.63 8.67
N LEU B 201 -8.72 29.31 9.93
CA LEU B 201 -8.50 30.33 10.96
C LEU B 201 -7.01 30.45 11.26
N CYS B 202 -6.52 31.69 11.29
CA CYS B 202 -5.11 31.99 11.47
C CYS B 202 -4.94 32.90 12.68
N PRO B 203 -4.56 32.36 13.84
CA PRO B 203 -4.43 33.23 15.03
C PRO B 203 -3.25 34.20 14.97
N LEU B 204 -2.26 33.95 14.10
CA LEU B 204 -1.12 34.85 13.99
C LEU B 204 -1.53 36.19 13.38
N MET B 205 -2.47 36.16 12.45
CA MET B 205 -3.01 37.36 11.84
C MET B 205 -4.36 37.75 12.42
N ALA B 206 -4.89 36.99 13.37
CA ALA B 206 -6.28 37.19 13.82
C ALA B 206 -7.20 37.28 12.60
N ALA B 207 -7.07 36.30 11.70
CA ALA B 207 -7.77 36.32 10.43
C ALA B 207 -8.49 35.00 10.17
N VAL B 208 -9.44 35.05 9.24
CA VAL B 208 -10.20 33.87 8.83
C VAL B 208 -10.40 33.93 7.33
N THR B 209 -10.18 32.80 6.66
CA THR B 209 -10.51 32.64 5.25
C THR B 209 -11.74 31.74 5.14
N TYR B 210 -12.72 32.21 4.38
CA TYR B 210 -13.99 31.52 4.19
C TYR B 210 -14.11 31.10 2.73
N ILE B 211 -14.39 29.82 2.49
CA ILE B 211 -14.69 29.29 1.16
C ILE B 211 -16.18 28.99 1.13
N ASP B 212 -16.92 29.72 0.29
CA ASP B 212 -18.37 29.57 0.25
C ASP B 212 -18.77 28.42 -0.68
N GLU B 213 -20.08 28.21 -0.81
CA GLU B 213 -20.58 27.09 -1.60
C GLU B 213 -20.14 27.18 -3.05
N LYS B 214 -19.96 28.39 -3.57
CA LYS B 214 -19.52 28.57 -4.95
C LYS B 214 -18.01 28.42 -5.11
N ARG B 215 -17.30 28.06 -4.03
CA ARG B 215 -15.85 27.90 -4.02
C ARG B 215 -15.09 29.22 -4.12
N ASP B 216 -15.73 30.36 -3.79
CA ASP B 216 -15.04 31.64 -3.80
C ASP B 216 -14.28 31.86 -2.48
N PHE B 217 -13.08 32.42 -2.61
N PHE B 217 -13.06 32.36 -2.60
CA PHE B 217 -12.12 32.62 -1.52
CA PHE B 217 -12.19 32.55 -1.44
C PHE B 217 -12.21 34.05 -1.02
C PHE B 217 -12.21 34.01 -1.01
N ARG B 218 -12.26 34.23 0.31
CA ARG B 218 -12.25 35.58 0.87
C ARG B 218 -11.57 35.52 2.23
N THR B 219 -10.67 36.46 2.49
CA THR B 219 -9.92 36.51 3.75
C THR B 219 -10.24 37.79 4.50
N TYR B 220 -10.57 37.64 5.80
CA TYR B 220 -11.01 38.77 6.60
C TYR B 220 -10.18 38.87 7.86
N ARG B 221 -10.07 40.10 8.37
CA ARG B 221 -9.58 40.36 9.72
C ARG B 221 -10.75 40.20 10.68
N LEU B 222 -10.59 39.33 11.69
CA LEU B 222 -11.68 39.13 12.64
C LEU B 222 -12.05 40.43 13.37
N SER B 223 -11.05 41.25 13.71
CA SER B 223 -11.34 42.52 14.39
C SER B 223 -12.12 43.48 13.49
N LEU B 224 -11.92 43.42 12.18
CA LEU B 224 -12.71 44.25 11.27
C LEU B 224 -14.14 43.73 11.07
N LEU B 225 -14.35 42.42 11.22
CA LEU B 225 -15.72 41.90 11.18
C LEU B 225 -16.53 42.44 12.36
N GLU B 226 -15.90 42.57 13.53
CA GLU B 226 -16.60 43.17 14.66
C GLU B 226 -17.07 44.57 14.32
N GLU B 227 -16.26 45.32 13.56
CA GLU B 227 -16.49 46.74 13.35
C GLU B 227 -17.32 47.02 12.10
N TYR B 228 -17.36 46.11 11.14
CA TYR B 228 -18.13 46.33 9.92
C TYR B 228 -19.30 45.38 9.72
N GLY B 229 -19.31 44.21 10.38
CA GLY B 229 -20.39 43.26 10.27
C GLY B 229 -20.15 42.20 9.19
N CYS B 230 -21.02 41.19 9.19
CA CYS B 230 -20.97 40.17 8.14
C CYS B 230 -22.31 39.46 8.03
N CYS B 231 -22.43 38.64 6.99
CA CYS B 231 -23.65 37.87 6.76
C CYS B 231 -23.81 36.76 7.81
N LYS B 232 -25.05 36.27 7.94
CA LYS B 232 -25.34 35.25 8.95
C LYS B 232 -24.63 33.93 8.66
N GLU B 233 -24.41 33.60 7.38
CA GLU B 233 -23.69 32.38 7.04
C GLU B 233 -22.32 32.34 7.72
N LEU B 234 -21.53 33.42 7.59
CA LEU B 234 -20.19 33.42 8.19
C LEU B 234 -20.25 33.55 9.70
N ALA B 235 -21.17 34.37 10.21
CA ALA B 235 -21.28 34.56 11.66
C ALA B 235 -21.65 33.25 12.37
N SER B 236 -22.59 32.50 11.80
CA SER B 236 -23.00 31.25 12.45
C SER B 236 -21.86 30.23 12.43
N ARG B 237 -21.01 30.26 11.40
CA ARG B 237 -19.88 29.33 11.36
C ARG B 237 -18.78 29.76 12.33
N LEU B 238 -18.60 31.06 12.52
CA LEU B 238 -17.66 31.51 13.55
C LEU B 238 -18.14 31.18 14.96
N ARG B 239 -19.47 31.18 15.19
CA ARG B 239 -19.99 30.68 16.46
C ARG B 239 -19.68 29.20 16.64
N TYR B 240 -19.86 28.42 15.58
CA TYR B 240 -19.55 26.99 15.65
C TYR B 240 -18.06 26.76 15.85
N ALA B 241 -17.24 27.56 15.17
CA ALA B 241 -15.78 27.43 15.29
C ALA B 241 -15.32 27.62 16.73
N ARG B 242 -15.84 28.64 17.42
CA ARG B 242 -15.47 28.87 18.81
C ARG B 242 -15.76 27.63 19.66
N THR B 243 -16.94 27.05 19.50
CA THR B 243 -17.29 25.82 20.18
C THR B 243 -16.28 24.71 19.90
N MET B 244 -15.83 24.58 18.66
CA MET B 244 -14.85 23.54 18.34
C MET B 244 -13.47 23.86 18.92
N VAL B 245 -13.09 25.14 18.98
CA VAL B 245 -11.81 25.48 19.58
C VAL B 245 -11.81 25.16 21.07
N ASP B 246 -12.94 25.41 21.75
CA ASP B 246 -13.05 24.98 23.14
C ASP B 246 -12.88 23.46 23.27
N LYS B 247 -13.40 22.70 22.30
CA LYS B 247 -13.26 21.25 22.35
C LYS B 247 -11.81 20.84 22.13
N LEU B 248 -11.12 21.51 21.20
CA LEU B 248 -9.70 21.24 21.01
C LEU B 248 -8.90 21.50 22.28
N LEU B 249 -9.25 22.57 23.00
CA LEU B 249 -8.54 22.92 24.23
C LEU B 249 -8.92 22.05 25.42
N SER B 250 -10.09 21.40 25.38
CA SER B 250 -10.45 20.48 26.45
C SER B 250 -9.46 19.31 26.52
N SER B 251 -9.31 18.60 25.42
CA SER B 251 -8.36 17.50 25.36
C SER B 251 -6.97 17.99 24.96
N GLY C 1 23.64 -25.54 -1.62
CA GLY C 1 23.73 -24.55 -0.56
C GLY C 1 24.94 -24.72 0.32
N SER C 2 25.55 -23.60 0.71
CA SER C 2 26.73 -23.61 1.56
C SER C 2 26.44 -23.24 3.01
N LYS C 3 25.39 -22.48 3.27
CA LYS C 3 25.02 -22.24 4.67
C LYS C 3 24.33 -23.48 5.23
N PRO C 4 24.60 -23.84 6.48
CA PRO C 4 23.95 -25.02 7.07
C PRO C 4 22.51 -24.72 7.44
N ILE C 5 21.77 -25.76 7.78
CA ILE C 5 20.49 -25.62 8.45
C ILE C 5 20.77 -25.61 9.94
N ASP C 6 20.41 -24.53 10.63
CA ASP C 6 20.80 -24.33 12.03
C ASP C 6 19.64 -24.74 12.93
N VAL C 7 19.57 -26.03 13.24
CA VAL C 7 18.56 -26.56 14.15
C VAL C 7 19.22 -27.28 15.32
N PHE C 8 20.39 -26.79 15.74
CA PHE C 8 21.09 -27.38 16.86
C PHE C 8 20.62 -26.81 18.21
N ASP C 9 19.96 -25.65 18.19
CA ASP C 9 19.38 -25.06 19.39
C ASP C 9 17.87 -25.22 19.45
N PHE C 10 17.27 -25.94 18.50
CA PHE C 10 15.83 -26.19 18.44
C PHE C 10 15.42 -27.01 19.66
N PRO C 11 14.10 -27.13 19.94
CA PRO C 11 13.60 -27.73 21.18
C PRO C 11 14.36 -28.96 21.64
N ASP C 28 9.92 -23.13 22.93
CA ASP C 28 9.22 -23.60 21.74
C ASP C 28 8.19 -22.56 21.30
N GLU C 29 7.49 -21.97 22.27
CA GLU C 29 6.59 -20.86 21.95
C GLU C 29 7.35 -19.56 21.78
N GLU C 30 8.43 -19.36 22.54
CA GLU C 30 9.31 -18.22 22.31
C GLU C 30 10.29 -18.47 21.16
N THR C 31 10.52 -19.73 20.80
CA THR C 31 11.31 -20.02 19.61
C THR C 31 10.61 -19.53 18.35
N TYR C 32 9.28 -19.55 18.33
CA TYR C 32 8.54 -18.89 17.26
C TYR C 32 8.61 -17.37 17.40
N GLU C 33 8.88 -16.87 18.61
CA GLU C 33 9.05 -15.44 18.80
C GLU C 33 10.37 -14.94 18.21
N THR C 34 11.41 -15.78 18.21
CA THR C 34 12.67 -15.44 17.57
C THR C 34 12.66 -15.73 16.07
N PHE C 35 11.52 -16.13 15.52
CA PHE C 35 11.39 -16.45 14.09
C PHE C 35 11.22 -15.14 13.31
N ASP C 36 12.31 -14.66 12.70
CA ASP C 36 12.34 -13.35 12.07
C ASP C 36 12.95 -13.44 10.68
N PRO C 37 12.20 -13.92 9.70
CA PRO C 37 12.71 -13.98 8.34
C PRO C 37 13.03 -12.59 7.83
N PRO C 38 14.22 -12.40 7.26
CA PRO C 38 14.54 -11.08 6.70
C PRO C 38 13.84 -10.76 5.38
N LEU C 39 13.41 -11.76 4.61
CA LEU C 39 12.81 -11.50 3.30
C LEU C 39 11.61 -12.42 3.09
N HIS C 40 10.54 -11.88 2.51
CA HIS C 40 9.32 -12.65 2.33
C HIS C 40 8.50 -12.04 1.20
N SER C 41 7.43 -12.74 0.81
CA SER C 41 6.53 -12.28 -0.24
C SER C 41 5.69 -11.12 0.29
N TPO C 42 4.78 -10.63 -0.53
CA TPO C 42 4.01 -9.43 -0.21
CB TPO C 42 3.06 -9.08 -1.40
CG2 TPO C 42 2.19 -7.85 -1.09
OG1 TPO C 42 3.84 -8.84 -2.54
P TPO C 42 3.82 -9.95 -3.84
O1P TPO C 42 4.76 -9.26 -4.81
O2P TPO C 42 4.34 -11.25 -3.22
O3P TPO C 42 2.36 -10.06 -4.30
C TPO C 42 3.16 -9.57 1.05
O TPO C 42 2.40 -10.53 1.19
H TPO C 42 4.60 -10.96 -1.30
HA TPO C 42 4.63 -8.70 -0.04
HB TPO C 42 2.47 -9.83 -1.51
HG21 TPO C 42 1.70 -7.57 -1.88
HG22 TPO C 42 2.74 -7.10 -0.80
HG23 TPO C 42 1.55 -8.05 -0.40
N ALA C 43 3.28 -8.60 1.93
CA ALA C 43 2.56 -8.63 3.22
C ALA C 43 1.08 -8.27 3.07
N ILE C 44 0.29 -8.63 4.08
CA ILE C 44 -1.16 -8.45 3.99
C ILE C 44 -1.53 -6.98 3.84
N TYR C 45 -0.77 -6.09 4.49
CA TYR C 45 -1.11 -4.68 4.41
C TYR C 45 -0.88 -4.11 3.02
N ALA C 46 -0.07 -4.77 2.19
CA ALA C 46 0.31 -4.24 0.88
C ALA C 46 -0.67 -4.62 -0.23
N ASP C 47 -1.96 -4.67 0.07
CA ASP C 47 -3.02 -4.94 -0.92
C ASP C 47 -3.69 -3.60 -1.27
N GLU C 48 -3.20 -2.95 -2.34
CA GLU C 48 -3.72 -1.63 -2.68
C GLU C 48 -5.15 -1.71 -3.19
N GLU C 49 -5.53 -2.81 -3.85
CA GLU C 49 -6.91 -2.97 -4.30
C GLU C 49 -7.87 -2.91 -3.11
N GLU C 50 -7.54 -3.61 -2.02
CA GLU C 50 -8.41 -3.60 -0.85
C GLU C 50 -8.37 -2.26 -0.13
N PHE C 51 -7.19 -1.64 -0.06
CA PHE C 51 -7.06 -0.32 0.53
C PHE C 51 -7.98 0.69 -0.17
N SER C 52 -7.81 0.84 -1.49
CA SER C 52 -8.64 1.75 -2.28
C SER C 52 -10.13 1.48 -2.09
N LYS C 53 -10.51 0.22 -1.92
CA LYS C 53 -11.92 -0.11 -1.71
C LYS C 53 -12.42 0.47 -0.40
N HIS C 54 -11.71 0.21 0.70
CA HIS C 54 -12.13 0.73 2.00
C HIS C 54 -12.22 2.25 1.96
N CYS C 55 -11.26 2.91 1.32
CA CYS C 55 -11.34 4.36 1.18
C CYS C 55 -12.64 4.76 0.49
N GLY C 56 -13.07 3.98 -0.50
CA GLY C 56 -14.31 4.29 -1.19
C GLY C 56 -15.52 4.16 -0.32
N LEU C 57 -15.49 3.24 0.65
CA LEU C 57 -16.62 3.03 1.55
C LEU C 57 -16.54 3.86 2.83
N SER C 58 -15.38 4.47 3.09
CA SER C 58 -15.17 5.27 4.30
C SER C 58 -15.40 6.74 4.00
N LEU C 59 -15.48 7.53 5.05
CA LEU C 59 -15.62 8.97 4.90
C LEU C 59 -14.34 9.55 4.30
N SER C 60 -14.51 10.48 3.36
CA SER C 60 -13.40 11.21 2.78
C SER C 60 -13.90 12.60 2.37
N SER C 61 -12.99 13.40 1.83
CA SER C 61 -13.33 14.74 1.36
C SER C 61 -14.03 14.65 -0.01
N TPO C 62 -14.47 15.79 -0.51
CA TPO C 62 -15.31 15.84 -1.71
CB TPO C 62 -15.73 17.32 -1.99
CG2 TPO C 62 -16.68 17.50 -3.15
OG1 TPO C 62 -16.33 17.79 -0.80
P TPO C 62 -15.56 18.96 0.19
O1P TPO C 62 -15.35 20.09 -0.80
O2P TPO C 62 -16.62 19.17 1.26
O3P TPO C 62 -14.30 18.30 0.69
C TPO C 62 -14.68 15.28 -2.97
O TPO C 62 -13.54 15.63 -3.31
H TPO C 62 -14.29 16.57 -0.19
HA TPO C 62 -16.08 15.28 -1.55
HB TPO C 62 -14.92 17.81 -2.23
HG21 TPO C 62 -17.01 18.41 -3.20
HG22 TPO C 62 -17.45 16.91 -3.07
HG23 TPO C 62 -16.24 17.30 -4.00
N PRO C 63 -15.42 14.40 -3.68
CA PRO C 63 -14.92 13.89 -4.96
C PRO C 63 -15.29 14.74 -6.16
N PRO C 64 -14.71 14.43 -7.32
CA PRO C 64 -15.01 15.21 -8.53
C PRO C 64 -16.48 15.08 -8.94
N GLY C 65 -17.04 16.20 -9.39
CA GLY C 65 -18.42 16.22 -9.83
C GLY C 65 -18.72 17.45 -10.68
C1 PEG D . 14.03 -41.85 13.28
O1 PEG D . 14.92 -41.90 12.18
C2 PEG D . 14.84 -41.74 14.55
O2 PEG D . 14.97 -43.01 15.20
C3 PEG D . 15.52 -43.96 14.33
C4 PEG D . 16.12 -45.08 15.13
O4 PEG D . 16.46 -46.16 14.29
H11 PEG D . 13.48 -42.64 13.32
H12 PEG D . 13.44 -41.09 13.22
HO1 PEG D . 14.46 -42.07 11.49
H21 PEG D . 14.40 -41.10 15.13
H22 PEG D . 15.71 -41.37 14.33
H31 PEG D . 16.20 -43.56 13.76
H32 PEG D . 14.84 -44.32 13.74
H41 PEG D . 15.49 -45.32 15.81
H42 PEG D . 16.90 -44.72 15.58
HO4 PEG D . 15.74 -46.47 13.95
C1 GOL E . 11.78 -7.32 -16.78
O1 GOL E . 10.83 -6.89 -17.74
C2 GOL E . 11.76 -6.34 -15.63
O2 GOL E . 10.48 -6.37 -15.02
C3 GOL E . 12.87 -6.66 -14.64
O3 GOL E . 13.30 -5.44 -14.06
H11 GOL E . 12.68 -7.35 -17.16
H12 GOL E . 11.57 -8.21 -16.45
HO1 GOL E . 10.06 -7.04 -17.43
H2 GOL E . 11.95 -5.45 -15.98
HO2 GOL E . 10.51 -5.88 -14.33
H31 GOL E . 12.53 -7.27 -13.97
H32 GOL E . 13.59 -7.11 -15.10
HO3 GOL E . 13.73 -5.61 -13.35
#